data_7F39
#
_entry.id   7F39
#
_cell.length_a   65.913
_cell.length_b   66.768
_cell.length_c   87.493
_cell.angle_alpha   90.000
_cell.angle_beta   90.000
_cell.angle_gamma   90.000
#
_symmetry.space_group_name_H-M   'P 21 21 21'
#
loop_
_entity.id
_entity.type
_entity.pdbx_description
1 polymer 'FAD:protein FMN transferase'
2 water water
#
_entity_poly.entity_id   1
_entity_poly.type   'polypeptide(L)'
_entity_poly.pdbx_seq_one_letter_code
;MNSSKETKSEPSDSKKLMDQPYSKTDFLMGTVVTLKIYDKGKEDVLDKGFDRIKDLAAKITTSDSEKTSEVDKINEQAGK
KPVKVSEDVYYLIQEGLKYSENSGGSFDITIGPLTSLWHIGFSDARKPSQAEIDAVLPLINYKDVKMNDKDQTVYLEKEG
MELDLGAIAKGFITDETLKVFKENKVTTSIIDLGGNIYVQGNNPNGNKWNVGIQDPFSPRGSVIGKLPESNMSIVTSGIY
ERYLEVDGKTYHHILDPKTGYPFDNDIAGVSIVSKKSIDGDGLSTATFSKGIKGGMDYIEQFEGVDAIFISKEKKVYETS
GLKGQFELTDKDFQMDTLKK
;
_entity_poly.pdbx_strand_id   A
#
# COMPACT_ATOMS: atom_id res chain seq x y z
N LYS A 16 16.58 -25.76 -14.28
CA LYS A 16 15.20 -25.50 -13.71
C LYS A 16 15.10 -24.07 -13.15
N LEU A 17 15.91 -23.71 -12.12
CA LEU A 17 16.02 -22.32 -11.58
C LEU A 17 17.30 -21.67 -12.09
N MET A 18 17.21 -20.45 -12.59
CA MET A 18 18.39 -19.74 -13.12
C MET A 18 18.89 -18.84 -12.01
N ASP A 19 20.20 -18.65 -11.95
CA ASP A 19 20.87 -17.64 -11.10
C ASP A 19 20.52 -16.21 -11.52
N GLN A 20 20.53 -15.91 -12.81
CA GLN A 20 20.21 -14.56 -13.31
C GLN A 20 18.77 -14.59 -13.80
N PRO A 21 17.85 -13.83 -13.18
CA PRO A 21 16.41 -13.99 -13.48
C PRO A 21 16.10 -13.32 -14.83
N TYR A 22 15.03 -13.71 -15.48
CA TYR A 22 14.28 -12.83 -16.41
C TYR A 22 13.75 -11.63 -15.62
N SER A 23 13.94 -10.42 -16.16
CA SER A 23 13.60 -9.17 -15.46
C SER A 23 12.85 -8.24 -16.41
N LYS A 24 11.94 -7.46 -15.90
CA LYS A 24 11.24 -6.45 -16.70
C LYS A 24 10.88 -5.32 -15.76
N THR A 25 11.14 -4.10 -16.17
CA THR A 25 10.92 -2.87 -15.39
C THR A 25 9.97 -1.97 -16.16
N ASP A 26 9.04 -1.33 -15.44
CA ASP A 26 8.18 -0.27 -16.00
C ASP A 26 7.99 0.80 -14.94
N PHE A 27 7.42 1.91 -15.32
CA PHE A 27 7.10 3.02 -14.41
C PHE A 27 5.58 3.19 -14.47
N LEU A 28 4.92 2.70 -13.47
CA LEU A 28 3.43 2.67 -13.41
C LEU A 28 3.02 3.16 -12.04
N MET A 29 1.85 3.80 -11.96
CA MET A 29 1.24 4.26 -10.68
C MET A 29 2.28 5.11 -9.96
N GLY A 30 3.01 5.93 -10.73
CA GLY A 30 4.07 6.86 -10.26
C GLY A 30 5.21 6.15 -9.54
N THR A 31 5.48 4.90 -9.84
CA THR A 31 6.57 4.13 -9.19
C THR A 31 7.30 3.26 -10.24
N VAL A 32 8.59 3.00 -10.00
CA VAL A 32 9.35 1.96 -10.76
C VAL A 32 8.81 0.62 -10.25
N VAL A 33 8.43 -0.26 -11.16
CA VAL A 33 7.86 -1.62 -10.87
C VAL A 33 8.78 -2.60 -11.57
N THR A 34 9.31 -3.56 -10.82
CA THR A 34 10.20 -4.57 -11.38
C THR A 34 9.64 -5.94 -11.02
N LEU A 35 9.54 -6.80 -12.01
CA LEU A 35 9.25 -8.24 -11.87
C LEU A 35 10.51 -9.03 -12.25
N LYS A 36 10.76 -10.10 -11.49
CA LYS A 36 11.88 -11.04 -11.73
C LYS A 36 11.37 -12.47 -11.59
N ILE A 37 11.63 -13.27 -12.61
CA ILE A 37 11.26 -14.71 -12.61
C ILE A 37 12.52 -15.54 -12.78
N TYR A 38 12.73 -16.53 -11.92
CA TYR A 38 13.97 -17.32 -11.95
C TYR A 38 13.71 -18.68 -12.57
N ASP A 39 12.45 -19.06 -12.81
CA ASP A 39 12.11 -20.36 -13.48
C ASP A 39 12.42 -20.27 -14.98
N LYS A 40 13.32 -21.14 -15.42
CA LYS A 40 13.74 -21.19 -16.85
C LYS A 40 12.53 -21.56 -17.71
N GLY A 41 12.36 -20.85 -18.83
CA GLY A 41 11.28 -21.08 -19.80
C GLY A 41 10.05 -20.29 -19.43
N LYS A 42 10.10 -19.42 -18.41
CA LYS A 42 8.90 -18.65 -18.03
C LYS A 42 9.08 -17.17 -18.39
N GLU A 43 9.92 -16.81 -19.37
CA GLU A 43 10.13 -15.36 -19.69
C GLU A 43 8.82 -14.64 -20.07
N ASP A 44 7.94 -15.26 -20.85
CA ASP A 44 6.67 -14.63 -21.33
C ASP A 44 5.71 -14.31 -20.16
N VAL A 45 5.87 -14.91 -18.97
CA VAL A 45 5.00 -14.59 -17.79
C VAL A 45 5.25 -13.14 -17.34
N LEU A 46 6.42 -12.57 -17.60
CA LEU A 46 6.72 -11.18 -17.23
C LEU A 46 5.70 -10.27 -17.91
N ASP A 47 5.46 -10.51 -19.18
CA ASP A 47 4.45 -9.72 -19.93
C ASP A 47 3.04 -9.99 -19.39
N LYS A 48 2.73 -11.23 -19.01
CA LYS A 48 1.40 -11.56 -18.47
C LYS A 48 1.20 -10.84 -17.13
N GLY A 49 2.25 -10.78 -16.31
CA GLY A 49 2.20 -10.03 -15.05
C GLY A 49 1.98 -8.56 -15.31
N PHE A 50 2.80 -7.93 -16.13
CA PHE A 50 2.64 -6.49 -16.45
C PHE A 50 1.29 -6.20 -17.15
N ASP A 51 0.79 -7.07 -18.03
CA ASP A 51 -0.60 -6.91 -18.59
C ASP A 51 -1.62 -6.80 -17.45
N ARG A 52 -1.57 -7.72 -16.48
CA ARG A 52 -2.48 -7.77 -15.32
C ARG A 52 -2.32 -6.50 -14.45
N ILE A 53 -1.08 -6.09 -14.18
CA ILE A 53 -0.85 -4.82 -13.41
C ILE A 53 -1.48 -3.64 -14.15
N LYS A 54 -1.22 -3.52 -15.45
CA LYS A 54 -1.72 -2.34 -16.22
C LYS A 54 -3.25 -2.36 -16.30
N ASP A 55 -3.83 -3.54 -16.49
CA ASP A 55 -5.31 -3.75 -16.50
C ASP A 55 -5.90 -3.19 -15.21
N LEU A 56 -5.37 -3.63 -14.06
CA LEU A 56 -5.90 -3.28 -12.73
C LEU A 56 -5.69 -1.79 -12.49
N ALA A 57 -4.49 -1.27 -12.72
CA ALA A 57 -4.21 0.15 -12.45
C ALA A 57 -5.20 1.03 -13.23
N ALA A 58 -5.45 0.71 -14.49
CA ALA A 58 -6.36 1.54 -15.33
C ALA A 58 -7.78 1.53 -14.73
N LYS A 59 -8.20 0.42 -14.12
CA LYS A 59 -9.57 0.31 -13.54
C LYS A 59 -9.66 1.10 -12.23
N ILE A 60 -8.57 1.17 -11.48
CA ILE A 60 -8.57 1.61 -10.05
C ILE A 60 -8.13 3.07 -9.91
N THR A 61 -7.15 3.51 -10.70
CA THR A 61 -6.48 4.85 -10.58
C THR A 61 -7.52 5.99 -10.61
N THR A 62 -7.33 7.01 -9.74
CA THR A 62 -8.04 8.31 -9.82
C THR A 62 -7.03 9.40 -10.23
N SER A 63 -5.90 9.01 -10.80
CA SER A 63 -4.84 9.95 -11.23
C SER A 63 -4.78 10.04 -12.75
N ASP A 64 -5.87 9.81 -13.48
CA ASP A 64 -5.83 9.72 -14.97
C ASP A 64 -6.66 10.89 -15.56
N SER A 65 -6.02 11.76 -16.34
CA SER A 65 -6.65 12.91 -17.05
C SER A 65 -7.91 12.46 -17.81
N GLU A 66 -7.76 11.43 -18.65
CA GLU A 66 -8.79 10.72 -19.49
C GLU A 66 -10.07 10.28 -18.73
N LYS A 67 -10.01 9.99 -17.42
CA LYS A 67 -11.20 9.67 -16.58
C LYS A 67 -11.88 8.36 -17.05
N THR A 68 -11.08 7.42 -17.53
CA THR A 68 -11.63 6.15 -18.06
C THR A 68 -11.84 5.18 -16.89
N SER A 69 -11.40 5.55 -15.67
CA SER A 69 -11.28 4.49 -14.64
C SER A 69 -12.66 4.14 -14.10
N GLU A 70 -12.81 2.93 -13.59
CA GLU A 70 -14.09 2.53 -12.98
C GLU A 70 -14.30 3.39 -11.73
N VAL A 71 -13.24 3.69 -10.99
CA VAL A 71 -13.41 4.46 -9.75
C VAL A 71 -13.78 5.87 -10.09
N ASP A 72 -13.16 6.47 -11.13
CA ASP A 72 -13.58 7.81 -11.61
C ASP A 72 -15.09 7.82 -11.91
N LYS A 73 -15.62 6.79 -12.54
CA LYS A 73 -17.04 6.71 -12.94
C LYS A 73 -17.93 6.66 -11.70
N ILE A 74 -17.55 5.88 -10.67
CA ILE A 74 -18.28 5.86 -9.38
C ILE A 74 -18.32 7.27 -8.79
N ASN A 75 -17.17 7.92 -8.75
CA ASN A 75 -17.02 9.27 -8.17
C ASN A 75 -17.88 10.28 -8.94
N GLU A 76 -17.95 10.19 -10.27
CA GLU A 76 -18.73 11.15 -11.09
C GLU A 76 -20.22 10.98 -10.82
N GLN A 77 -20.67 9.81 -10.39
CA GLN A 77 -22.10 9.54 -10.13
C GLN A 77 -22.44 9.55 -8.63
N ALA A 78 -21.62 10.17 -7.78
CA ALA A 78 -21.90 10.29 -6.33
C ALA A 78 -23.21 11.03 -6.14
N GLY A 79 -24.14 10.46 -5.38
CA GLY A 79 -25.44 11.10 -5.19
C GLY A 79 -26.33 11.06 -6.42
N LYS A 80 -25.94 10.44 -7.51
CA LYS A 80 -26.81 10.42 -8.71
C LYS A 80 -27.32 9.01 -8.98
N LYS A 81 -26.45 8.06 -9.29
CA LYS A 81 -26.92 6.69 -9.55
C LYS A 81 -25.80 5.72 -9.24
N PRO A 82 -26.17 4.45 -8.98
CA PRO A 82 -25.17 3.38 -8.83
C PRO A 82 -24.38 3.15 -10.12
N VAL A 83 -23.11 2.67 -10.05
CA VAL A 83 -22.27 2.44 -11.23
C VAL A 83 -21.90 0.96 -11.25
N LYS A 84 -22.13 0.28 -12.38
CA LYS A 84 -21.62 -1.07 -12.71
C LYS A 84 -20.08 -1.08 -12.65
N VAL A 85 -19.49 -2.09 -11.99
CA VAL A 85 -18.02 -2.24 -11.89
C VAL A 85 -17.68 -3.70 -12.19
N SER A 86 -16.46 -3.93 -12.65
CA SER A 86 -15.96 -5.28 -12.90
C SER A 86 -15.75 -5.99 -11.54
N GLU A 87 -15.57 -7.28 -11.59
CA GLU A 87 -15.42 -8.12 -10.37
C GLU A 87 -14.19 -7.65 -9.58
N ASP A 88 -13.11 -7.28 -10.25
CA ASP A 88 -11.83 -6.91 -9.59
C ASP A 88 -12.06 -5.67 -8.76
N VAL A 89 -12.77 -4.69 -9.31
CA VAL A 89 -13.04 -3.43 -8.59
C VAL A 89 -14.08 -3.63 -7.48
N TYR A 90 -15.12 -4.41 -7.73
CA TYR A 90 -16.13 -4.68 -6.71
C TYR A 90 -15.47 -5.36 -5.49
N TYR A 91 -14.61 -6.35 -5.73
CA TYR A 91 -13.84 -7.07 -4.70
C TYR A 91 -12.93 -6.14 -3.91
N LEU A 92 -12.19 -5.27 -4.58
CA LEU A 92 -11.25 -4.35 -3.94
C LEU A 92 -12.03 -3.37 -3.05
N ILE A 93 -13.18 -2.88 -3.50
CA ILE A 93 -14.02 -1.96 -2.68
C ILE A 93 -14.59 -2.76 -1.49
N GLN A 94 -15.03 -3.99 -1.70
CA GLN A 94 -15.54 -4.84 -0.58
C GLN A 94 -14.44 -4.97 0.49
N GLU A 95 -13.21 -5.24 0.06
CA GLU A 95 -12.03 -5.38 0.98
C GLU A 95 -11.70 -4.03 1.64
N GLY A 96 -11.71 -2.95 0.90
CA GLY A 96 -11.50 -1.60 1.44
C GLY A 96 -12.50 -1.25 2.50
N LEU A 97 -13.76 -1.60 2.29
CA LEU A 97 -14.78 -1.23 3.30
C LEU A 97 -14.48 -2.00 4.59
N LYS A 98 -14.04 -3.26 4.48
CA LYS A 98 -13.68 -4.10 5.65
C LYS A 98 -12.50 -3.49 6.38
N TYR A 99 -11.49 -3.07 5.66
CA TYR A 99 -10.32 -2.46 6.32
C TYR A 99 -10.77 -1.15 6.96
N SER A 100 -11.63 -0.39 6.31
CA SER A 100 -12.11 0.91 6.86
C SER A 100 -12.85 0.63 8.21
N GLU A 101 -13.79 -0.29 8.19
CA GLU A 101 -14.60 -0.67 9.38
C GLU A 101 -13.65 -1.11 10.51
N ASN A 102 -12.68 -1.96 10.19
CA ASN A 102 -11.82 -2.62 11.18
C ASN A 102 -10.86 -1.59 11.76
N SER A 103 -10.66 -0.45 11.12
CA SER A 103 -9.60 0.52 11.46
C SER A 103 -10.07 1.36 12.65
N GLY A 104 -9.22 2.22 13.12
CA GLY A 104 -9.71 2.94 14.34
C GLY A 104 -10.68 4.10 14.11
N GLY A 105 -11.51 4.22 13.04
CA GLY A 105 -11.82 5.54 12.46
C GLY A 105 -10.59 6.19 11.77
N SER A 106 -9.57 5.42 11.44
CA SER A 106 -8.26 5.97 10.96
C SER A 106 -8.09 5.76 9.46
N PHE A 107 -8.78 4.78 8.91
CA PHE A 107 -8.70 4.40 7.48
C PHE A 107 -10.12 4.43 6.90
N ASP A 108 -10.27 5.15 5.80
CA ASP A 108 -11.58 5.25 5.13
C ASP A 108 -11.35 5.39 3.63
N ILE A 109 -11.86 4.48 2.81
CA ILE A 109 -11.66 4.56 1.36
C ILE A 109 -12.45 5.73 0.75
N THR A 110 -13.29 6.42 1.49
CA THR A 110 -14.02 7.62 1.00
C THR A 110 -13.25 8.88 1.40
N ILE A 111 -11.95 8.73 1.67
CA ILE A 111 -11.09 9.88 1.99
C ILE A 111 -10.75 10.67 0.69
N GLY A 112 -11.25 10.26 -0.49
CA GLY A 112 -10.95 10.93 -1.78
C GLY A 112 -11.01 12.46 -1.82
N PRO A 113 -12.08 13.09 -1.30
CA PRO A 113 -12.20 14.54 -1.43
C PRO A 113 -11.05 15.27 -0.67
N LEU A 114 -10.54 14.68 0.42
CA LEU A 114 -9.38 15.24 1.15
C LEU A 114 -8.06 14.90 0.46
N THR A 115 -7.84 13.68 -0.02
CA THR A 115 -6.56 13.34 -0.71
C THR A 115 -6.45 14.07 -2.04
N SER A 116 -7.57 14.31 -2.74
CA SER A 116 -7.64 15.19 -3.93
C SER A 116 -7.18 16.61 -3.62
N LEU A 117 -7.53 17.14 -2.45
CA LEU A 117 -7.26 18.53 -2.03
C LEU A 117 -5.75 18.74 -1.83
N TRP A 118 -5.12 17.91 -1.02
CA TRP A 118 -3.64 17.94 -0.81
C TRP A 118 -2.87 17.45 -2.02
N HIS A 119 -3.30 16.36 -2.65
CA HIS A 119 -2.61 15.74 -3.81
C HIS A 119 -1.13 15.51 -3.53
N ILE A 120 -0.84 15.06 -2.33
CA ILE A 120 0.55 14.83 -1.87
C ILE A 120 1.19 13.79 -2.81
N GLY A 121 2.40 14.02 -3.27
CA GLY A 121 3.16 13.12 -4.17
C GLY A 121 2.92 13.45 -5.61
N PHE A 122 2.21 14.54 -5.89
CA PHE A 122 1.99 15.05 -7.26
C PHE A 122 2.65 16.41 -7.36
N SER A 123 2.92 16.88 -8.57
CA SER A 123 3.73 18.10 -8.77
C SER A 123 2.92 19.28 -8.22
N ASP A 124 1.60 19.14 -8.15
CA ASP A 124 0.69 20.27 -7.78
C ASP A 124 0.26 20.13 -6.30
N ALA A 125 0.90 19.26 -5.51
CA ALA A 125 0.58 19.11 -4.08
C ALA A 125 0.51 20.48 -3.38
N ARG A 126 -0.43 20.65 -2.44
CA ARG A 126 -0.71 21.98 -1.85
C ARG A 126 -1.26 21.77 -0.45
N LYS A 127 -0.92 22.64 0.46
CA LYS A 127 -1.57 22.60 1.78
C LYS A 127 -2.86 23.41 1.68
N PRO A 128 -4.01 22.78 1.79
CA PRO A 128 -5.26 23.50 1.62
C PRO A 128 -5.54 24.40 2.84
N SER A 129 -6.46 25.36 2.68
CA SER A 129 -6.96 26.22 3.77
C SER A 129 -7.77 25.37 4.76
N GLN A 130 -7.89 25.83 5.99
CA GLN A 130 -8.83 25.14 6.93
C GLN A 130 -10.26 25.20 6.38
N ALA A 131 -10.67 26.26 5.72
CA ALA A 131 -12.06 26.30 5.18
C ALA A 131 -12.27 25.16 4.14
N GLU A 132 -11.25 24.88 3.31
CA GLU A 132 -11.32 23.80 2.30
C GLU A 132 -11.41 22.42 2.98
N ILE A 133 -10.63 22.25 4.03
CA ILE A 133 -10.66 20.97 4.80
C ILE A 133 -12.04 20.79 5.44
N ASP A 134 -12.53 21.83 6.05
CA ASP A 134 -13.83 21.75 6.75
C ASP A 134 -14.93 21.45 5.76
N ALA A 135 -14.85 21.90 4.51
CA ALA A 135 -15.87 21.57 3.49
C ALA A 135 -15.88 20.05 3.15
N VAL A 136 -14.80 19.32 3.31
CA VAL A 136 -14.72 17.92 2.82
C VAL A 136 -14.76 16.93 3.97
N LEU A 137 -14.48 17.31 5.22
CA LEU A 137 -14.52 16.30 6.31
C LEU A 137 -15.89 15.62 6.41
N PRO A 138 -17.03 16.34 6.26
CA PRO A 138 -18.34 15.71 6.37
C PRO A 138 -18.64 14.75 5.23
N LEU A 139 -17.85 14.76 4.17
CA LEU A 139 -18.07 13.85 3.02
C LEU A 139 -17.40 12.49 3.23
N ILE A 140 -16.56 12.31 4.25
CA ILE A 140 -15.78 11.06 4.46
C ILE A 140 -16.55 10.13 5.40
N ASN A 141 -17.10 9.06 4.86
CA ASN A 141 -17.84 8.08 5.67
C ASN A 141 -18.02 6.85 4.82
N TYR A 142 -17.22 5.81 5.08
CA TYR A 142 -17.28 4.53 4.35
C TYR A 142 -18.68 3.93 4.51
N LYS A 143 -19.44 4.32 5.54
CA LYS A 143 -20.80 3.74 5.71
C LYS A 143 -21.77 4.24 4.63
N ASP A 144 -21.43 5.29 3.90
CA ASP A 144 -22.27 5.89 2.85
C ASP A 144 -21.95 5.32 1.46
N VAL A 145 -21.19 4.24 1.37
CA VAL A 145 -20.97 3.42 0.16
C VAL A 145 -22.00 2.27 0.15
N LYS A 146 -22.91 2.25 -0.81
CA LYS A 146 -23.94 1.21 -0.98
C LYS A 146 -23.47 0.21 -2.03
N MET A 147 -23.32 -1.05 -1.64
CA MET A 147 -22.91 -2.12 -2.56
C MET A 147 -24.12 -2.96 -2.95
N ASN A 148 -24.29 -3.28 -4.23
CA ASN A 148 -25.32 -4.24 -4.64
C ASN A 148 -24.65 -5.45 -5.29
N ASP A 149 -24.63 -6.58 -4.60
CA ASP A 149 -23.97 -7.80 -5.07
C ASP A 149 -24.63 -8.29 -6.37
N LYS A 150 -25.94 -8.33 -6.43
CA LYS A 150 -26.70 -8.88 -7.58
C LYS A 150 -26.34 -8.05 -8.84
N ASP A 151 -26.33 -6.71 -8.71
CA ASP A 151 -26.15 -5.83 -9.89
C ASP A 151 -24.67 -5.52 -10.08
N GLN A 152 -23.82 -5.89 -9.11
CA GLN A 152 -22.38 -5.55 -9.04
C GLN A 152 -22.25 -4.04 -9.22
N THR A 153 -23.00 -3.28 -8.43
CA THR A 153 -22.98 -1.81 -8.46
C THR A 153 -22.40 -1.28 -7.15
N VAL A 154 -21.75 -0.14 -7.30
CA VAL A 154 -21.24 0.71 -6.19
C VAL A 154 -21.95 2.07 -6.29
N TYR A 155 -22.43 2.57 -5.18
CA TYR A 155 -23.13 3.85 -5.11
C TYR A 155 -22.57 4.67 -3.94
N LEU A 156 -22.09 5.88 -4.23
CA LEU A 156 -21.72 6.87 -3.19
C LEU A 156 -23.01 7.64 -2.93
N GLU A 157 -23.48 7.60 -1.69
CA GLU A 157 -24.85 8.04 -1.33
C GLU A 157 -24.98 9.57 -1.33
N LYS A 158 -23.90 10.35 -1.23
CA LYS A 158 -24.01 11.84 -1.20
C LYS A 158 -23.15 12.50 -2.27
N GLU A 159 -23.67 13.58 -2.87
CA GLU A 159 -22.96 14.40 -3.87
C GLU A 159 -21.64 14.84 -3.27
N GLY A 160 -20.55 14.78 -4.02
CA GLY A 160 -19.22 15.26 -3.61
C GLY A 160 -18.36 14.17 -3.02
N MET A 161 -18.90 13.01 -2.69
CA MET A 161 -18.10 11.88 -2.15
C MET A 161 -17.17 11.37 -3.25
N GLU A 162 -16.01 10.84 -2.86
CA GLU A 162 -15.01 10.25 -3.76
C GLU A 162 -14.30 9.10 -3.07
N LEU A 163 -14.22 8.00 -3.77
CA LEU A 163 -13.36 6.87 -3.40
C LEU A 163 -11.92 7.25 -3.73
N ASP A 164 -11.02 6.78 -2.89
CA ASP A 164 -9.57 6.69 -3.17
C ASP A 164 -9.10 5.30 -2.71
N LEU A 165 -8.71 4.43 -3.64
CA LEU A 165 -8.27 3.08 -3.28
C LEU A 165 -6.74 3.03 -3.24
N GLY A 166 -6.01 4.15 -3.35
CA GLY A 166 -4.55 4.20 -3.47
C GLY A 166 -3.87 3.48 -2.31
N ALA A 167 -4.45 3.41 -1.11
CA ALA A 167 -3.75 2.84 0.08
C ALA A 167 -3.76 1.30 0.04
N ILE A 168 -4.62 0.65 -0.77
CA ILE A 168 -4.65 -0.83 -0.86
C ILE A 168 -4.48 -1.28 -2.32
N ALA A 169 -4.47 -0.38 -3.30
CA ALA A 169 -4.34 -0.77 -4.72
C ALA A 169 -3.06 -1.54 -4.98
N LYS A 170 -1.88 -1.11 -4.51
CA LYS A 170 -0.64 -1.84 -4.85
C LYS A 170 -0.61 -3.21 -4.19
N GLY A 171 -1.17 -3.34 -2.99
CA GLY A 171 -1.28 -4.65 -2.30
C GLY A 171 -2.14 -5.63 -3.06
N PHE A 172 -3.32 -5.19 -3.47
CA PHE A 172 -4.19 -6.03 -4.30
C PHE A 172 -3.47 -6.41 -5.60
N ILE A 173 -2.87 -5.42 -6.30
CA ILE A 173 -2.25 -5.69 -7.61
C ILE A 173 -1.06 -6.66 -7.41
N THR A 174 -0.27 -6.53 -6.33
CA THR A 174 0.81 -7.49 -5.99
C THR A 174 0.24 -8.91 -5.87
N ASP A 175 -0.89 -9.08 -5.17
CA ASP A 175 -1.51 -10.40 -4.89
C ASP A 175 -2.04 -10.97 -6.21
N GLU A 176 -2.50 -10.11 -7.11
CA GLU A 176 -3.05 -10.50 -8.43
C GLU A 176 -1.93 -10.87 -9.37
N THR A 177 -0.76 -10.23 -9.29
CA THR A 177 0.44 -10.59 -10.09
C THR A 177 0.90 -11.98 -9.64
N LEU A 178 0.97 -12.22 -8.31
CA LEU A 178 1.42 -13.53 -7.80
C LEU A 178 0.47 -14.59 -8.35
N LYS A 179 -0.80 -14.27 -8.37
CA LYS A 179 -1.82 -15.22 -8.85
C LYS A 179 -1.53 -15.55 -10.31
N VAL A 180 -1.19 -14.58 -11.15
CA VAL A 180 -0.80 -14.85 -12.57
C VAL A 180 0.48 -15.69 -12.61
N PHE A 181 1.46 -15.43 -11.75
CA PHE A 181 2.70 -16.24 -11.68
C PHE A 181 2.36 -17.68 -11.37
N LYS A 182 1.56 -17.96 -10.36
CA LYS A 182 1.23 -19.34 -9.92
C LYS A 182 0.39 -20.04 -11.00
N GLU A 183 -0.52 -19.35 -11.65
CA GLU A 183 -1.34 -19.91 -12.79
C GLU A 183 -0.40 -20.45 -13.87
N ASN A 184 0.77 -19.82 -14.02
CA ASN A 184 1.80 -20.10 -15.04
C ASN A 184 2.91 -20.97 -14.47
N LYS A 185 2.74 -21.55 -13.27
CA LYS A 185 3.67 -22.55 -12.63
C LYS A 185 5.00 -21.89 -12.34
N VAL A 186 4.98 -20.58 -12.13
CA VAL A 186 6.19 -19.87 -11.61
C VAL A 186 6.29 -20.21 -10.11
N THR A 187 7.50 -20.56 -9.64
CA THR A 187 7.77 -21.05 -8.27
C THR A 187 8.64 -20.04 -7.52
N THR A 188 9.44 -19.27 -8.27
CA THR A 188 10.52 -18.48 -7.68
C THR A 188 10.60 -17.11 -8.35
N SER A 189 10.31 -16.04 -7.62
CA SER A 189 10.14 -14.71 -8.24
C SER A 189 10.16 -13.63 -7.17
N ILE A 190 10.33 -12.38 -7.59
CA ILE A 190 10.23 -11.18 -6.74
C ILE A 190 9.34 -10.18 -7.50
N ILE A 191 8.32 -9.72 -6.81
CA ILE A 191 7.38 -8.69 -7.31
C ILE A 191 7.65 -7.44 -6.50
N ASP A 192 8.13 -6.37 -7.14
CA ASP A 192 8.51 -5.12 -6.45
C ASP A 192 7.72 -3.96 -7.06
N LEU A 193 6.69 -3.51 -6.35
CA LEU A 193 5.78 -2.40 -6.77
C LEU A 193 6.10 -1.12 -5.99
N GLY A 194 7.30 -1.02 -5.48
CA GLY A 194 7.71 0.21 -4.79
C GLY A 194 7.70 -0.07 -3.31
N GLY A 195 6.62 0.29 -2.67
CA GLY A 195 6.58 0.09 -1.22
C GLY A 195 6.01 -1.28 -0.89
N ASN A 196 5.76 -2.13 -1.90
CA ASN A 196 5.21 -3.48 -1.69
C ASN A 196 6.18 -4.45 -2.37
N ILE A 197 6.69 -5.42 -1.64
CA ILE A 197 7.57 -6.46 -2.20
C ILE A 197 6.87 -7.77 -1.87
N TYR A 198 6.83 -8.69 -2.81
CA TYR A 198 6.50 -10.09 -2.53
C TYR A 198 7.67 -10.96 -2.97
N VAL A 199 8.14 -11.83 -2.10
CA VAL A 199 9.20 -12.81 -2.44
C VAL A 199 8.60 -14.20 -2.43
N GLN A 200 8.61 -14.84 -3.59
CA GLN A 200 8.10 -16.20 -3.87
C GLN A 200 9.24 -17.20 -3.91
N GLY A 201 9.08 -18.28 -3.15
CA GLY A 201 10.07 -19.35 -3.06
C GLY A 201 11.29 -18.89 -2.29
N ASN A 202 12.44 -19.42 -2.63
CA ASN A 202 13.72 -19.06 -1.98
C ASN A 202 14.65 -18.57 -3.06
N ASN A 203 15.79 -18.02 -2.65
CA ASN A 203 16.87 -17.73 -3.60
C ASN A 203 17.20 -19.08 -4.27
N PRO A 204 17.50 -19.14 -5.58
CA PRO A 204 17.97 -20.38 -6.17
C PRO A 204 19.19 -20.99 -5.46
N ASN A 205 19.94 -20.23 -4.68
CA ASN A 205 21.06 -20.88 -3.95
C ASN A 205 20.52 -21.69 -2.76
N GLY A 206 19.20 -21.72 -2.49
CA GLY A 206 18.54 -22.44 -1.37
C GLY A 206 18.32 -21.59 -0.12
N ASN A 207 18.94 -20.41 -0.01
CA ASN A 207 18.71 -19.50 1.16
C ASN A 207 17.37 -18.75 1.05
N LYS A 208 16.85 -18.26 2.18
CA LYS A 208 15.67 -17.38 2.16
C LYS A 208 16.15 -16.11 1.43
N TRP A 209 15.21 -15.42 0.78
CA TRP A 209 15.51 -14.12 0.16
C TRP A 209 15.87 -13.14 1.28
N ASN A 210 16.81 -12.24 1.02
CA ASN A 210 17.17 -11.22 2.01
C ASN A 210 16.40 -9.99 1.63
N VAL A 211 15.33 -9.66 2.33
CA VAL A 211 14.55 -8.48 1.96
C VAL A 211 15.12 -7.25 2.67
N GLY A 212 15.35 -6.18 1.92
CA GLY A 212 15.85 -4.92 2.46
C GLY A 212 14.76 -4.21 3.24
N ILE A 213 15.06 -3.77 4.45
CA ILE A 213 14.12 -2.92 5.23
C ILE A 213 14.45 -1.47 4.95
N GLN A 214 13.45 -0.72 4.47
CA GLN A 214 13.67 0.68 4.02
C GLN A 214 14.21 1.57 5.16
N ASP A 215 15.19 2.41 4.87
CA ASP A 215 15.61 3.53 5.73
C ASP A 215 14.59 4.64 5.49
N PRO A 216 13.73 4.96 6.48
CA PRO A 216 12.69 5.96 6.28
C PRO A 216 13.22 7.37 6.08
N PHE A 217 14.49 7.61 6.40
CA PHE A 217 15.16 8.92 6.27
C PHE A 217 15.86 9.10 4.92
N SER A 218 15.78 8.13 4.04
CA SER A 218 16.55 8.07 2.77
C SER A 218 15.63 7.70 1.63
N PRO A 219 16.03 7.97 0.36
CA PRO A 219 15.21 7.66 -0.80
C PRO A 219 14.86 6.18 -0.87
N ARG A 220 13.77 5.85 -1.56
CA ARG A 220 13.34 4.46 -1.67
C ARG A 220 14.50 3.58 -2.18
N GLY A 221 14.66 2.40 -1.57
CA GLY A 221 15.73 1.45 -1.92
C GLY A 221 16.93 1.56 -1.02
N SER A 222 17.14 2.65 -0.27
CA SER A 222 18.12 2.71 0.85
C SER A 222 17.62 1.85 2.02
N VAL A 223 18.49 1.10 2.69
CA VAL A 223 18.03 0.08 3.67
C VAL A 223 18.80 0.22 4.99
N ILE A 224 18.19 -0.21 6.10
CA ILE A 224 18.85 -0.23 7.44
C ILE A 224 19.21 -1.66 7.78
N GLY A 225 18.84 -2.63 6.96
CA GLY A 225 19.14 -4.02 7.27
C GLY A 225 18.32 -4.97 6.44
N LYS A 226 18.39 -6.25 6.77
CA LYS A 226 17.85 -7.33 5.92
C LYS A 226 17.01 -8.22 6.82
N LEU A 227 15.89 -8.69 6.28
CA LEU A 227 15.01 -9.68 6.91
C LEU A 227 14.87 -10.85 5.95
N PRO A 228 15.43 -12.03 6.28
CA PRO A 228 15.23 -13.22 5.47
C PRO A 228 13.75 -13.65 5.44
N GLU A 229 13.23 -13.90 4.24
CA GLU A 229 11.81 -14.26 4.05
C GLU A 229 11.66 -15.20 2.84
N SER A 230 10.64 -16.04 2.89
CA SER A 230 10.17 -16.86 1.76
C SER A 230 8.64 -16.81 1.71
N ASN A 231 8.03 -16.67 0.54
CA ASN A 231 6.55 -16.68 0.39
C ASN A 231 5.88 -15.65 1.29
N MET A 232 6.28 -14.40 1.12
CA MET A 232 5.87 -13.36 2.10
C MET A 232 5.84 -12.00 1.42
N SER A 233 4.94 -11.16 1.90
CA SER A 233 4.76 -9.75 1.54
C SER A 233 5.50 -8.89 2.55
N ILE A 234 6.19 -7.81 2.11
CA ILE A 234 6.62 -6.76 3.05
C ILE A 234 6.09 -5.43 2.50
N VAL A 235 5.27 -4.72 3.26
CA VAL A 235 4.72 -3.40 2.87
C VAL A 235 5.31 -2.30 3.76
N THR A 236 5.89 -1.26 3.16
CA THR A 236 6.66 -0.20 3.85
C THR A 236 5.80 1.04 3.82
N SER A 237 5.74 1.75 4.92
CA SER A 237 5.14 3.08 5.04
C SER A 237 6.16 3.98 5.71
N GLY A 238 6.16 5.26 5.42
CA GLY A 238 7.19 6.13 6.00
C GLY A 238 6.77 7.56 5.92
N ILE A 239 7.35 8.39 6.75
CA ILE A 239 7.01 9.83 6.80
C ILE A 239 7.60 10.55 5.58
N TYR A 240 8.54 9.95 4.84
CA TYR A 240 9.14 10.63 3.64
C TYR A 240 8.92 9.81 2.36
N GLU A 241 8.01 8.90 2.36
CA GLU A 241 7.72 8.03 1.18
C GLU A 241 6.99 8.90 0.11
N ARG A 242 6.02 9.69 0.54
CA ARG A 242 5.33 10.69 -0.31
C ARG A 242 4.91 11.84 0.57
N TYR A 243 5.53 13.00 0.42
CA TYR A 243 5.25 14.13 1.33
C TYR A 243 5.34 15.44 0.59
N LEU A 244 4.82 16.44 1.26
CA LEU A 244 4.90 17.83 0.78
C LEU A 244 5.72 18.62 1.77
N GLU A 245 6.70 19.34 1.28
CA GLU A 245 7.46 20.29 2.13
C GLU A 245 6.96 21.71 1.86
N VAL A 246 6.47 22.42 2.87
CA VAL A 246 5.93 23.81 2.78
C VAL A 246 6.51 24.58 3.95
N ASP A 247 7.32 25.62 3.69
CA ASP A 247 7.58 26.71 4.67
C ASP A 247 8.18 26.13 5.95
N GLY A 248 9.07 25.15 5.82
CA GLY A 248 9.78 24.57 6.97
C GLY A 248 9.31 23.16 7.28
N LYS A 249 8.02 22.90 7.05
CA LYS A 249 7.30 21.70 7.57
C LYS A 249 7.01 20.69 6.46
N THR A 250 6.75 19.48 6.92
CA THR A 250 6.60 18.27 6.11
C THR A 250 5.18 17.72 6.37
N TYR A 251 4.46 17.38 5.31
CA TYR A 251 3.09 16.81 5.39
C TYR A 251 3.12 15.51 4.63
N HIS A 252 3.12 14.38 5.35
CA HIS A 252 3.15 13.06 4.70
C HIS A 252 1.74 12.72 4.26
N HIS A 253 1.64 11.66 3.48
CA HIS A 253 0.39 11.29 2.78
C HIS A 253 -0.57 10.50 3.67
N ILE A 254 -0.21 10.05 4.88
CA ILE A 254 -1.17 9.27 5.72
C ILE A 254 -2.02 10.26 6.52
N LEU A 255 -3.08 10.71 5.90
CA LEU A 255 -3.94 11.74 6.51
C LEU A 255 -4.96 11.11 7.47
N ASP A 256 -5.27 11.86 8.52
CA ASP A 256 -6.38 11.57 9.44
C ASP A 256 -7.72 12.03 8.82
N PRO A 257 -8.64 11.08 8.51
CA PRO A 257 -9.94 11.42 7.95
C PRO A 257 -10.85 12.22 8.88
N LYS A 258 -10.54 12.20 10.18
CA LYS A 258 -11.32 12.98 11.17
C LYS A 258 -10.79 14.42 11.28
N THR A 259 -9.54 14.72 10.89
CA THR A 259 -8.93 16.06 11.07
C THR A 259 -8.48 16.73 9.75
N GLY A 260 -8.14 15.95 8.73
CA GLY A 260 -7.67 16.38 7.40
C GLY A 260 -6.18 16.62 7.39
N TYR A 261 -5.51 16.34 8.50
CA TYR A 261 -4.06 16.57 8.61
C TYR A 261 -3.38 15.22 8.79
N PRO A 262 -2.08 15.16 8.45
CA PRO A 262 -1.29 13.95 8.67
C PRO A 262 -1.28 13.44 10.12
N PHE A 263 -1.24 12.14 10.29
CA PHE A 263 -0.98 11.50 11.59
C PHE A 263 0.49 11.84 11.88
N ASP A 264 0.77 12.52 12.98
CA ASP A 264 2.16 12.85 13.41
C ASP A 264 2.39 12.27 14.83
N ASN A 265 3.40 11.43 14.96
CA ASN A 265 3.72 10.66 16.18
C ASN A 265 5.21 10.28 16.12
N ASP A 266 5.61 9.24 16.84
CA ASP A 266 7.05 8.88 16.99
C ASP A 266 7.48 7.94 15.85
N ILE A 267 6.58 7.50 15.00
CA ILE A 267 6.93 6.60 13.88
C ILE A 267 7.59 7.42 12.75
N ALA A 268 8.73 6.95 12.28
CA ALA A 268 9.34 7.37 10.99
C ALA A 268 8.96 6.36 9.92
N GLY A 269 8.99 5.07 10.23
CA GLY A 269 8.72 4.05 9.21
C GLY A 269 8.19 2.79 9.85
N VAL A 270 7.38 2.05 9.12
CA VAL A 270 6.95 0.71 9.52
C VAL A 270 7.07 -0.19 8.31
N SER A 271 7.45 -1.45 8.51
CA SER A 271 7.43 -2.50 7.48
C SER A 271 6.53 -3.61 8.02
N ILE A 272 5.43 -3.89 7.34
CA ILE A 272 4.46 -4.90 7.82
C ILE A 272 4.68 -6.17 7.01
N VAL A 273 4.91 -7.25 7.72
CA VAL A 273 5.22 -8.57 7.14
C VAL A 273 3.99 -9.44 7.27
N SER A 274 3.48 -9.97 6.17
CA SER A 274 2.30 -10.88 6.22
C SER A 274 2.30 -11.78 5.01
N LYS A 275 1.37 -12.70 4.92
CA LYS A 275 1.26 -13.59 3.72
C LYS A 275 0.70 -12.81 2.51
N LYS A 276 -0.21 -11.85 2.73
CA LYS A 276 -0.87 -11.14 1.59
C LYS A 276 -0.51 -9.67 1.61
N SER A 277 -0.24 -9.14 0.46
CA SER A 277 0.19 -7.74 0.29
C SER A 277 -1.00 -6.84 0.62
N ILE A 278 -2.22 -7.25 0.30
CA ILE A 278 -3.40 -6.35 0.50
C ILE A 278 -3.61 -6.18 2.01
N ASP A 279 -3.26 -7.18 2.80
CA ASP A 279 -3.42 -7.06 4.29
C ASP A 279 -2.37 -6.13 4.88
N GLY A 280 -1.15 -6.21 4.38
CA GLY A 280 -0.07 -5.30 4.71
C GLY A 280 -0.50 -3.86 4.44
N ASP A 281 -1.04 -3.56 3.25
CA ASP A 281 -1.61 -2.24 2.89
C ASP A 281 -2.80 -1.92 3.82
N GLY A 282 -3.72 -2.86 3.98
CA GLY A 282 -4.98 -2.73 4.72
C GLY A 282 -4.83 -2.37 6.18
N LEU A 283 -3.74 -2.80 6.80
CA LEU A 283 -3.43 -2.54 8.21
C LEU A 283 -2.49 -1.34 8.38
N SER A 284 -1.97 -0.75 7.30
CA SER A 284 -0.83 0.22 7.37
C SER A 284 -1.29 1.47 8.08
N THR A 285 -2.38 2.06 7.62
CA THR A 285 -2.88 3.30 8.21
C THR A 285 -3.25 3.12 9.68
N ALA A 286 -4.08 2.13 10.00
CA ALA A 286 -4.48 1.90 11.38
C ALA A 286 -3.19 1.80 12.24
N THR A 287 -2.23 1.00 11.79
CA THR A 287 -1.01 0.74 12.59
C THR A 287 -0.24 2.04 12.83
N PHE A 288 -0.03 2.77 11.75
CA PHE A 288 0.72 4.03 11.75
C PHE A 288 0.08 5.04 12.71
N SER A 289 -1.26 5.12 12.71
CA SER A 289 -2.05 6.08 13.53
C SER A 289 -1.84 5.91 15.05
N LYS A 290 -1.31 4.79 15.50
CA LYS A 290 -1.26 4.38 16.91
C LYS A 290 0.14 4.64 17.49
N GLY A 291 1.08 5.16 16.72
CA GLY A 291 2.48 5.34 17.16
C GLY A 291 3.19 4.03 17.46
N ILE A 292 4.39 4.09 18.00
CA ILE A 292 5.21 2.88 18.04
C ILE A 292 4.63 1.88 19.04
N LYS A 293 4.35 2.27 20.26
CA LYS A 293 3.97 1.28 21.30
C LYS A 293 2.57 0.77 20.92
N GLY A 294 1.70 1.71 20.60
CA GLY A 294 0.31 1.42 20.24
C GLY A 294 0.25 0.61 18.96
N GLY A 295 1.08 0.92 17.98
CA GLY A 295 1.12 0.18 16.72
C GLY A 295 1.64 -1.23 16.95
N MET A 296 2.66 -1.37 17.74
CA MET A 296 3.24 -2.71 18.08
C MET A 296 2.17 -3.57 18.80
N ASP A 297 1.46 -3.00 19.78
CA ASP A 297 0.32 -3.67 20.46
C ASP A 297 -0.72 -4.12 19.45
N TYR A 298 -1.01 -3.27 18.49
CA TYR A 298 -2.01 -3.54 17.45
C TYR A 298 -1.60 -4.71 16.56
N ILE A 299 -0.38 -4.71 16.04
CA ILE A 299 0.13 -5.83 15.18
C ILE A 299 0.14 -7.14 15.98
N GLU A 300 0.44 -7.07 17.28
CA GLU A 300 0.44 -8.24 18.18
C GLU A 300 -0.97 -8.88 18.29
N GLN A 301 -2.05 -8.23 17.88
CA GLN A 301 -3.43 -8.82 17.89
C GLN A 301 -3.68 -9.68 16.64
N PHE A 302 -2.88 -9.53 15.59
CA PHE A 302 -3.14 -10.23 14.30
C PHE A 302 -2.20 -11.42 14.15
N GLU A 303 -2.77 -12.63 14.11
CA GLU A 303 -2.06 -13.89 13.81
C GLU A 303 -1.52 -13.78 12.38
N GLY A 304 -0.26 -14.13 12.21
CA GLY A 304 0.37 -14.21 10.89
C GLY A 304 0.76 -12.83 10.37
N VAL A 305 0.79 -11.81 11.23
CA VAL A 305 1.24 -10.45 10.82
C VAL A 305 2.31 -9.99 11.80
N ASP A 306 3.45 -9.52 11.31
CA ASP A 306 4.47 -8.90 12.16
C ASP A 306 4.91 -7.59 11.54
N ALA A 307 5.69 -6.82 12.29
CA ALA A 307 6.21 -5.54 11.79
C ALA A 307 7.55 -5.20 12.40
N ILE A 308 8.27 -4.38 11.66
CA ILE A 308 9.48 -3.64 12.16
C ILE A 308 9.10 -2.17 12.18
N PHE A 309 9.26 -1.54 13.29
CA PHE A 309 9.01 -0.10 13.47
C PHE A 309 10.31 0.63 13.67
N ILE A 310 10.40 1.82 13.09
CA ILE A 310 11.60 2.67 13.18
C ILE A 310 11.10 3.99 13.70
N SER A 311 11.60 4.43 14.82
CA SER A 311 11.18 5.72 15.41
C SER A 311 11.92 6.88 14.73
N LYS A 312 11.43 8.09 15.00
CA LYS A 312 12.10 9.35 14.62
C LYS A 312 13.44 9.50 15.34
N GLU A 313 13.69 8.74 16.40
CA GLU A 313 15.00 8.76 17.14
C GLU A 313 15.89 7.62 16.64
N LYS A 314 15.47 6.92 15.58
CA LYS A 314 16.27 5.92 14.86
C LYS A 314 16.44 4.71 15.78
N LYS A 315 15.47 4.42 16.62
CA LYS A 315 15.37 3.10 17.26
C LYS A 315 14.51 2.15 16.45
N VAL A 316 14.84 0.88 16.49
CA VAL A 316 14.19 -0.20 15.72
C VAL A 316 13.61 -1.23 16.68
N TYR A 317 12.33 -1.51 16.49
CA TYR A 317 11.51 -2.47 17.25
C TYR A 317 11.02 -3.56 16.31
N GLU A 318 11.13 -4.80 16.73
CA GLU A 318 10.46 -5.96 16.12
C GLU A 318 9.23 -6.34 16.95
N THR A 319 8.15 -6.75 16.31
CA THR A 319 7.04 -7.50 16.99
C THR A 319 7.48 -8.94 17.29
N SER A 320 6.74 -9.64 18.16
CA SER A 320 7.19 -10.91 18.79
C SER A 320 7.53 -11.94 17.70
N GLY A 321 6.81 -11.96 16.57
CA GLY A 321 7.00 -12.97 15.51
C GLY A 321 8.30 -12.82 14.74
N LEU A 322 9.05 -11.72 14.93
CA LEU A 322 10.31 -11.41 14.20
C LEU A 322 11.49 -11.28 15.14
N LYS A 323 11.27 -11.57 16.43
CA LYS A 323 12.35 -11.49 17.44
C LYS A 323 13.61 -12.18 16.94
N GLY A 324 14.73 -11.46 16.95
CA GLY A 324 16.05 -11.97 16.54
C GLY A 324 16.15 -12.29 15.05
N GLN A 325 15.26 -11.81 14.17
CA GLN A 325 15.32 -12.15 12.70
C GLN A 325 15.89 -11.01 11.87
N PHE A 326 15.65 -9.76 12.24
CA PHE A 326 16.15 -8.60 11.51
C PHE A 326 17.66 -8.50 11.78
N GLU A 327 18.43 -8.32 10.70
CA GLU A 327 19.87 -8.06 10.65
C GLU A 327 20.10 -6.57 10.33
N LEU A 328 20.46 -5.77 11.33
CA LEU A 328 20.74 -4.32 11.20
C LEU A 328 22.08 -4.07 10.49
N THR A 329 22.13 -3.24 9.45
CA THR A 329 23.42 -2.98 8.74
C THR A 329 23.74 -1.49 8.72
N ASP A 330 22.95 -0.70 9.49
CA ASP A 330 23.13 0.75 9.56
C ASP A 330 23.34 1.12 11.04
N LYS A 331 24.60 1.45 11.37
CA LYS A 331 25.04 1.79 12.75
C LYS A 331 24.45 3.10 13.24
N ASP A 332 23.87 3.94 12.36
CA ASP A 332 23.11 5.14 12.79
C ASP A 332 21.81 4.71 13.50
N PHE A 333 21.40 3.45 13.42
CA PHE A 333 20.17 2.95 14.07
C PHE A 333 20.52 2.03 15.25
N GLN A 334 19.67 1.93 16.27
CA GLN A 334 19.89 1.05 17.45
C GLN A 334 18.67 0.15 17.62
N MET A 335 18.83 -1.15 17.80
CA MET A 335 17.77 -2.07 18.23
C MET A 335 17.28 -1.65 19.63
N ASP A 336 15.98 -1.71 19.86
CA ASP A 336 15.36 -1.34 21.17
C ASP A 336 14.10 -2.22 21.41
N THR A 337 13.62 -2.30 22.67
CA THR A 337 12.48 -3.19 23.08
C THR A 337 11.44 -2.40 23.89
#